data_1QD3
#
_entry.id   1QD3
#
_cell.length_a   1.000
_cell.length_b   1.000
_cell.length_c   1.000
_cell.angle_alpha   90.00
_cell.angle_beta   90.00
_cell.angle_gamma   90.00
#
_symmetry.space_group_name_H-M   'P 1'
#
loop_
_entity.id
_entity.type
_entity.pdbx_description
1 polymer 'HIV-1 TAR RNA'
2 branched 2,6-diamino-2,6-dideoxy-beta-L-idopyranose-(1-3)-alpha-D-ribofuranose
3 non-polymer 2,6-diamino-2,6-dideoxy-alpha-D-glucopyranose
4 non-polymer 2-DEOXYSTREPTAMINE
#
_entity_poly.entity_id   1
_entity_poly.type   'polyribonucleotide'
_entity_poly.pdbx_seq_one_letter_code
;GCCAGAUUUGAGCCUGGGAGCUCUCUGGC
;
_entity_poly.pdbx_strand_id   A
#
loop_
_chem_comp.id
_chem_comp.type
_chem_comp.name
_chem_comp.formula
A RNA linking ADENOSINE-5'-MONOPHOSPHATE 'C10 H14 N5 O7 P'
BDG D-saccharide, alpha linking 2,6-diamino-2,6-dideoxy-alpha-D-glucopyranose 'C6 H14 N2 O4'
C RNA linking CYTIDINE-5'-MONOPHOSPHATE 'C9 H14 N3 O8 P'
CYY non-polymer 2-DEOXYSTREPTAMINE 'C6 H14 N2 O3'
G RNA linking GUANOSINE-5'-MONOPHOSPHATE 'C10 H14 N5 O8 P'
IDG L-saccharide, beta linking 2,6-diamino-2,6-dideoxy-beta-L-idopyranose 'C6 H14 N2 O4'
RIB D-saccharide, alpha linking alpha-D-ribofuranose 'C5 H10 O5'
U RNA linking URIDINE-5'-MONOPHOSPHATE 'C9 H13 N2 O9 P'
#
# COMPACT_ATOMS: atom_id res chain seq x y z
O5 RIB B . 3.54 -1.20 -1.32
C5 RIB B . 2.41 -1.27 -0.47
C4 RIB B . 2.07 0.14 0.05
O4 RIB B . 1.09 0.79 -0.79
C3 RIB B . 1.46 0.14 1.45
O3 RIB B . 2.49 0.01 2.46
C2 RIB B . 0.80 1.50 1.47
O2 RIB B . 1.78 2.51 1.67
C1 RIB B . 0.23 1.60 0.04
HO5 RIB B . 3.34 -0.58 -2.04
H51 RIB B . 1.58 -1.67 -1.04
H52 RIB B . 2.61 -1.93 0.39
H4 RIB B . 2.97 0.75 0.05
H3 RIB B . 0.72 -0.65 1.58
H2 RIB B . 0.00 1.52 2.22
HO2 RIB B . 2.37 2.28 2.39
H1 RIB B . 0.25 2.64 -0.31
C5 IDG B . 3.08 -2.44 5.11
O5 IDG B . 3.34 -1.39 4.17
C1 IDG B . 2.17 -1.01 3.43
C2 IDG B . 1.06 -0.52 4.38
N2 IDG B . 1.35 0.83 4.84
C3 IDG B . 0.83 -1.45 5.57
O3 IDG B . 0.08 -2.58 5.15
C4 IDG B . 2.15 -1.93 6.20
O4 IDG B . 2.76 -0.86 6.90
C6 IDG B . 4.37 -2.97 5.70
N6 IDG B . 5.36 -3.22 4.66
H5 IDG B . 2.59 -3.25 4.57
H1 IDG B . 1.81 -1.90 2.90
H2 IDG B . 0.10 -0.60 3.86
HN21 IDG B . 2.14 1.33 4.53
HN22 IDG B . 1.18 1.10 5.77
H3 IDG B . 0.29 -0.90 6.34
HO3 IDG B . -0.41 -2.95 5.88
H4 IDG B . 1.93 -2.75 6.89
HO4 IDG B . 3.26 -0.30 6.29
H61 IDG B . 4.76 -2.26 6.45
H62 IDG B . 4.13 -3.92 6.22
HN61 IDG B . 5.09 -3.62 3.81
HN62 IDG B . 6.07 -2.57 4.48
C5 BDG C . -3.93 1.13 -5.19
O5 BDG C . -2.49 1.10 -5.17
C1 BDG C . -1.92 1.81 -4.05
O1 BDG C . -2.24 1.17 -2.78
C2 BDG C . -2.36 3.28 -4.04
N2 BDG C . -1.95 3.91 -2.80
C3 BDG C . -3.87 3.41 -4.21
O3 BDG C . -4.20 4.77 -4.44
C4 BDG C . -4.43 2.56 -5.34
O4 BDG C . -5.85 2.58 -5.31
C6 BDG C . -4.45 0.33 -6.37
N6 BDG C . -3.57 -0.78 -6.68
H5 BDG C . -4.27 0.71 -4.23
H1 BDG C . -0.84 1.77 -4.17
H2 BDG C . -1.89 3.77 -4.90
HN21 BDG C . -1.95 3.41 -1.97
HN22 BDG C . -2.34 4.80 -2.60
H3 BDG C . -4.31 3.04 -3.29
HO3 BDG C . -3.84 5.09 -5.28
H4 BDG C . -4.08 2.93 -6.30
HO4 BDG C . -6.16 3.49 -5.36
H61 BDG C . -4.56 1.07 -7.20
H62 BDG C . -5.48 0.01 -6.15
HN61 BDG C . -2.66 -0.60 -7.02
HN62 BDG C . -3.90 -1.57 -7.15
C1 CYY D . -0.63 -2.45 -1.22
C2 CYY D . -0.22 -2.03 -2.61
C3 CYY D . -1.17 -0.98 -3.15
C4 CYY D . -1.18 0.30 -2.31
C5 CYY D . -1.39 -0.03 -0.81
C6 CYY D . -0.64 -1.26 -0.27
N1 CYY D . 0.28 -3.46 -0.72
N3 CYY D . -0.79 -0.67 -4.52
O5 CYY D . -1.15 1.12 0.03
O6 CYY D . -1.19 -1.64 0.99
H1 CYY D . -1.66 -2.85 -1.26
H21 CYY D . -0.25 -2.91 -3.26
H22 CYY D . 0.81 -1.64 -2.62
H3 CYY D . -2.20 -1.33 -3.06
H4 CYY D . -0.23 0.81 -2.44
H5 CYY D . -2.47 -0.26 -0.69
H6 CYY D . 0.37 -1.00 -0.10
HN11 CYY D . 0.75 -3.32 0.13
HN12 CYY D . 0.90 -3.90 -1.33
HN31 CYY D . 0.14 -0.75 -4.81
HN32 CYY D . -1.35 -1.01 -5.25
HO6 CYY D . -1.69 -2.47 0.93
O5 RIB B . 3.55 0.73 -0.65
C5 RIB B . 2.17 0.51 -0.82
C4 RIB B . 1.37 1.56 -0.06
O4 RIB B . 0.21 1.99 -0.79
C3 RIB B . 0.85 1.05 1.27
O3 RIB B . 1.88 1.07 2.29
C2 RIB B . -0.26 2.04 1.54
O2 RIB B . 0.30 3.26 2.03
C1 RIB B . -0.87 2.24 0.15
HO5 RIB B . 4.06 0.04 -1.08
H51 RIB B . 1.92 0.60 -1.89
H52 RIB B . 1.91 -0.49 -0.47
H4 RIB B . 2.01 2.44 0.11
H3 RIB B . 0.44 0.05 1.21
H2 RIB B . -0.95 1.58 2.26
HO2 RIB B . 0.29 3.97 1.38
H1 RIB B . -1.23 3.27 0.00
C5 IDG B . 3.15 -1.81 4.13
O5 IDG B . 3.17 -0.56 3.41
C1 IDG B . 1.84 -0.11 3.11
C2 IDG B . 1.05 0.15 4.39
N2 IDG B . 1.49 1.40 5.02
C3 IDG B . 1.13 -1.00 5.40
O3 IDG B . 0.22 -2.02 5.02
C4 IDG B . 2.54 -1.60 5.51
O4 IDG B . 3.36 -0.72 6.28
C6 IDG B . 4.54 -2.40 4.22
N6 IDG B . 5.01 -2.80 2.91
H5 IDG B . 2.51 -2.49 3.56
H1 IDG B . 1.34 -0.92 2.55
H2 IDG B . -0.01 0.15 4.13
HN21 IDG B . 2.33 1.43 5.51
HN22 IDG B . 1.40 2.24 4.52
H3 IDG B . 0.87 -0.61 6.38
HO3 IDG B . -0.68 -1.69 5.18
H4 IDG B . 2.46 -2.57 6.01
HO4 IDG B . 4.08 -0.37 5.76
H61 IDG B . 5.24 -1.67 4.68
H62 IDG B . 4.48 -3.29 4.88
HN61 IDG B . 5.68 -3.50 2.80
HN62 IDG B . 5.18 -2.11 2.22
C5 BDG C . -4.20 0.68 -5.38
O5 BDG C . -3.05 1.51 -5.22
C1 BDG C . -3.06 2.26 -3.99
O1 BDG C . -3.03 1.39 -2.82
C2 BDG C . -4.29 3.18 -3.93
N2 BDG C . -4.39 3.78 -2.62
C3 BDG C . -5.58 2.39 -4.22
O3 BDG C . -6.66 3.28 -4.39
C4 BDG C . -5.44 1.56 -5.48
O4 BDG C . -6.59 0.75 -5.65
C6 BDG C . -4.10 -0.12 -6.68
N6 BDG C . -3.84 -1.52 -6.38
H5 BDG C . -4.29 0.01 -4.52
H1 BDG C . -2.15 2.88 -3.98
H2 BDG C . -4.19 4.05 -4.63
HN21 BDG C . -4.51 3.26 -1.80
HN22 BDG C . -4.87 4.62 -2.50
H3 BDG C . -5.76 1.70 -3.39
HO3 BDG C . -7.31 2.91 -5.01
H4 BDG C . -5.35 2.24 -6.33
HO4 BDG C . -6.43 -0.19 -5.49
H61 BDG C . -3.35 0.32 -7.33
H62 BDG C . -5.11 0.01 -7.15
HN61 BDG C . -4.48 -2.23 -6.63
HN62 BDG C . -3.41 -1.80 -5.54
C1 CYY D . -0.32 -1.62 -1.75
C2 CYY D . -0.02 -0.89 -3.05
C3 CYY D . -1.21 -0.06 -3.50
C4 CYY D . -1.71 0.95 -2.45
C5 CYY D . -1.78 0.31 -1.06
C6 CYY D . -0.64 -0.62 -0.66
N1 CYY D . 0.82 -2.42 -1.37
N3 CYY D . -0.85 0.63 -4.72
O5 CYY D . -1.98 1.32 -0.04
O6 CYY D . -0.98 -1.31 0.53
H1 CYY D . -1.20 -2.26 -1.91
H21 CYY D . 0.22 -1.63 -3.82
H22 CYY D . 0.86 -0.25 -2.93
H3 CYY D . -2.11 -0.67 -3.54
H4 CYY D . -1.01 1.79 -2.44
H5 CYY D . -2.70 -0.31 -1.04
H6 CYY D . 0.24 -0.06 -0.51
HN11 CYY D . 1.18 -2.35 -0.46
HN12 CYY D . 1.58 -2.55 -1.97
HN31 CYY D . -1.00 0.21 -5.60
HN32 CYY D . -0.02 1.15 -4.80
HO6 CYY D . -1.74 -1.90 0.39
O5 RIB B . 1.61 4.69 3.79
C5 RIB B . 1.88 3.72 2.79
C4 RIB B . 0.70 2.78 2.65
O4 RIB B . -0.01 3.03 1.42
C3 RIB B . 1.15 1.33 2.56
O3 RIB B . 1.39 0.77 3.86
C2 RIB B . -0.01 0.67 1.82
O2 RIB B . -1.09 0.41 2.72
C1 RIB B . -0.40 1.79 0.82
HO5 RIB B . 1.75 5.57 3.43
H51 RIB B . 2.09 4.19 1.82
H52 RIB B . 2.78 3.14 3.06
H4 RIB B . 0.03 2.91 3.50
H3 RIB B . 2.03 1.28 1.95
H2 RIB B . 0.28 -0.26 1.33
HO2 RIB B . -0.87 0.66 3.63
H1 RIB B . -1.49 1.78 0.64
C5 IDG B . 3.05 -2.35 2.91
O5 IDG B . 2.80 -0.93 3.00
C1 IDG B . 1.66 -0.65 3.82
C2 IDG B . 1.88 -1.17 5.25
N2 IDG B . 2.86 -0.33 5.94
C3 IDG B . 2.32 -2.64 5.27
O3 IDG B . 1.21 -3.46 4.96
C4 IDG B . 3.45 -2.89 4.28
O4 IDG B . 4.64 -2.27 4.72
C6 IDG B . 4.11 -2.65 1.86
N6 IDG B . 5.20 -1.69 1.92
H5 IDG B . 2.13 -2.82 2.59
H1 IDG B . 0.78 -1.16 3.39
H2 IDG B . 0.92 -1.11 5.77
HN21 IDG B . 3.25 -0.61 6.80
HN22 IDG B . 2.75 0.64 5.96
H3 IDG B . 2.71 -2.86 6.27
HO3 IDG B . 0.91 -3.95 5.72
H4 IDG B . 3.59 -3.98 4.20
HO4 IDG B . 4.67 -1.34 4.47
H61 IDG B . 4.45 -3.69 2.06
H62 IDG B . 3.61 -2.66 0.87
HN61 IDG B . 6.05 -1.94 2.34
HN62 IDG B . 5.04 -0.74 2.11
C5 BDG C . -4.06 0.81 -4.29
O5 BDG C . -2.67 0.93 -4.65
C1 BDG C . -1.91 1.72 -3.71
O1 BDG C . -1.71 1.05 -2.45
C2 BDG C . -2.52 3.12 -3.53
N2 BDG C . -1.95 3.76 -2.36
C3 BDG C . -4.05 3.14 -3.43
O3 BDG C . -4.54 4.45 -3.63
C4 BDG C . -4.72 2.19 -4.42
O4 BDG C . -6.12 2.09 -4.15
C6 BDG C . -4.77 -0.18 -5.20
N6 BDG C . -3.80 -0.99 -5.93
H5 BDG C . -4.14 0.47 -3.25
H1 BDG C . -0.91 1.86 -4.17
H2 BDG C . -2.24 3.70 -4.41
HN21 BDG C . -2.54 4.28 -1.77
HN22 BDG C . -1.29 3.30 -1.80
H3 BDG C . -4.35 2.73 -2.46
HO3 BDG C . -3.85 5.04 -3.95
H4 BDG C . -4.60 2.49 -5.46
HO4 BDG C . -6.62 2.73 -4.66
H61 BDG C . -5.42 0.38 -5.89
H62 BDG C . -5.39 -0.81 -4.56
HN61 BDG C . -4.08 -1.85 -6.31
HN62 BDG C . -3.17 -0.58 -6.55
C1 CYY D . 1.33 -1.86 -1.51
C2 CYY D . 0.69 -1.84 -2.91
C3 CYY D . -0.63 -1.09 -2.88
C4 CYY D . -0.44 0.35 -2.40
C5 CYY D . 0.12 0.29 -0.97
C6 CYY D . 1.47 -0.43 -0.98
N1 CYY D . 2.62 -2.51 -1.56
N3 CYY D . -1.22 -1.12 -4.21
O5 CYY D . 0.29 1.60 -0.44
O6 CYY D . 2.02 -0.46 0.33
H1 CYY D . 0.65 -2.40 -0.83
H21 CYY D . 0.55 -2.87 -3.24
H22 CYY D . 1.38 -1.38 -3.64
H3 CYY D . -1.31 -1.46 -2.10
H4 CYY D . 0.27 0.88 -3.05
H5 CYY D . -0.60 -0.27 -0.35
H6 CYY D . 2.14 0.13 -1.64
HN11 CYY D . 3.36 -2.22 -0.99
HN12 CYY D . 3.00 -2.80 -2.42
HN31 CYY D . -0.70 -1.33 -5.02
HN32 CYY D . -2.11 -1.49 -4.33
HO6 CYY D . 2.92 -0.13 0.34
O5 RIB B . 3.31 0.41 3.61
C5 RIB B . 2.72 -0.33 2.54
C4 RIB B . 1.18 -0.26 2.64
O4 RIB B . 0.63 0.22 1.39
C3 RIB B . 0.56 -1.62 2.88
O3 RIB B . 0.58 -2.03 4.27
C2 RIB B . -0.84 -1.40 2.36
O2 RIB B . -1.60 -0.71 3.34
C1 RIB B . -0.61 -0.50 1.14
HO5 RIB B . 3.73 1.20 3.28
H51 RIB B . 3.02 0.12 1.58
H52 RIB B . 3.06 -1.36 2.54
H4 RIB B . 0.88 0.44 3.44
H3 RIB B . 1.12 -2.33 2.26
H2 RIB B . -1.30 -2.35 2.06
HO2 RIB B . -1.33 -0.96 4.24
H1 RIB B . -1.44 0.21 1.00
C5 IDG B . 2.94 -1.82 7.05
O5 IDG B . 1.71 -1.99 6.33
C1 IDG B . 1.86 -1.91 4.91
C2 IDG B . 2.79 -3.02 4.41
N2 IDG B . 2.14 -4.31 4.53
C3 IDG B . 4.12 -3.02 5.17
O3 IDG B . 4.93 -1.93 4.74
C4 IDG B . 3.91 -2.95 6.68
O4 IDG B . 3.42 -4.20 7.16
C6 IDG B . 2.67 -1.84 8.55
N6 IDG B . 3.62 -0.99 9.24
H5 IDG B . 3.37 -0.86 6.76
H1 IDG B . 2.25 -0.92 4.68
H2 IDG B . 3.02 -2.84 3.36
HN21 IDG B . 2.62 -5.04 4.96
HN22 IDG B . 1.20 -4.36 4.80
H3 IDG B . 4.64 -3.97 4.96
HO3 IDG B . 4.46 -1.09 4.78
H4 IDG B . 4.89 -2.73 7.15
HO4 IDG B . 2.45 -4.17 7.27
H61 IDG B . 1.63 -1.50 8.70
H62 IDG B . 2.72 -2.89 8.88
HN61 IDG B . 4.18 -1.36 9.95
HN62 IDG B . 3.36 -0.08 9.50
C5 BDG C . -3.63 0.71 -3.98
O5 BDG C . -2.20 0.88 -4.15
C1 BDG C . -1.59 1.63 -3.06
O1 BDG C . -1.49 0.84 -1.85
C2 BDG C . -2.30 2.98 -2.80
N2 BDG C . -1.93 3.49 -1.49
C3 BDG C . -3.82 2.92 -2.90
O3 BDG C . -4.34 4.23 -3.04
C4 BDG C . -4.32 2.05 -4.05
O4 BDG C . -5.73 1.90 -3.97
C6 BDG C . -4.17 -0.18 -5.09
N6 BDG C . -3.43 -1.43 -5.14
H5 BDG C . -3.82 0.23 -3.01
H1 BDG C . -0.63 1.90 -3.50
H2 BDG C . -1.98 3.75 -3.55
HN21 BDG C . -1.84 2.88 -0.73
HN22 BDG C . -2.35 4.31 -1.17
H3 BDG C . -4.20 2.42 -2.01
HO3 BDG C . -3.76 4.76 -3.59
H4 BDG C . -4.11 2.47 -5.05
HO4 BDG C . -6.16 2.75 -4.05
H61 BDG C . -4.11 0.36 -6.05
H62 BDG C . -5.23 -0.37 -4.89
HN61 BDG C . -3.72 -2.16 -5.73
HN62 BDG C . -2.45 -1.45 -5.12
C1 CYY D . 2.63 -0.16 -1.84
C2 CYY D . 2.30 1.31 -1.73
C3 CYY D . 0.86 1.57 -2.15
C4 CYY D . -0.14 0.77 -1.29
C5 CYY D . 0.28 -0.70 -1.10
C6 CYY D . 1.77 -0.92 -0.85
N1 CYY D . 4.03 -0.39 -1.56
N3 CYY D . 0.59 2.99 -2.08
O5 CYY D . -0.49 -1.32 -0.04
O6 CYY D . 2.07 -2.32 -0.94
H1 CYY D . 2.40 -0.52 -2.86
H21 CYY D . 2.98 1.89 -2.37
H22 CYY D . 2.45 1.64 -0.69
H3 CYY D . 0.76 1.17 -3.15
H4 CYY D . -0.20 1.28 -0.31
H5 CYY D . 0.02 -1.24 -2.03
H6 CYY D . 2.05 -0.56 0.14
HN11 CYY D . 4.71 0.27 -1.83
HN12 CYY D . 4.43 -1.27 -1.68
HN31 CYY D . 0.58 3.44 -1.20
HN32 CYY D . 1.01 3.60 -2.72
HO6 CYY D . 1.49 -2.80 -0.33
O5 RIB B . 3.24 1.10 2.95
C5 RIB B . 2.73 -0.21 2.69
C4 RIB B . 1.21 -0.16 2.63
O4 RIB B . 0.78 0.51 1.43
C3 RIB B . 0.59 -1.53 2.57
O3 RIB B . 0.47 -2.13 3.87
C2 RIB B . -0.75 -1.26 1.90
O2 RIB B . -1.67 -0.74 2.84
C1 RIB B . -0.38 -0.18 0.88
HO5 RIB B . 2.77 1.74 2.39
H51 RIB B . 3.09 -0.55 1.71
H52 RIB B . 3.10 -0.93 3.42
H4 RIB B . 0.85 0.37 3.52
H3 RIB B . 1.15 -2.16 1.90
H2 RIB B . -1.09 -2.17 1.39
HO2 RIB B . -2.54 -0.80 2.43
H1 RIB B . -1.21 0.53 0.76
C5 IDG B . 3.56 -4.02 3.50
O5 IDG B . 2.50 -3.13 3.15
C1 IDG B . 1.59 -2.97 4.25
C2 IDG B . 2.29 -2.40 5.50
N2 IDG B . 2.47 -0.98 5.40
C3 IDG B . 3.62 -3.11 5.81
O3 IDG B . 3.37 -4.34 6.49
C4 IDG B . 4.45 -3.38 4.54
O4 IDG B . 5.00 -2.17 4.05
C6 IDG B . 4.33 -4.46 2.25
N6 IDG B . 4.64 -3.31 1.41
H5 IDG B . 3.11 -4.92 3.94
H1 IDG B . 1.20 -3.94 4.55
H2 IDG B . 1.62 -2.62 6.34
HN21 IDG B . 1.81 -0.36 5.76
HN22 IDG B . 3.36 -0.54 5.48
H3 IDG B . 4.22 -2.44 6.44
HO3 IDG B . 3.69 -4.28 7.39
H4 IDG B . 5.26 -4.09 4.81
HO4 IDG B . 5.70 -2.36 3.42
H61 IDG B . 5.25 -4.99 2.55
H62 IDG B . 3.67 -5.17 1.72
HN61 IDG B . 4.00 -2.56 1.34
HN62 IDG B . 5.05 -3.44 0.53
C5 BDG C . -3.18 1.01 -3.58
O5 BDG C . -1.76 1.18 -3.77
C1 BDG C . -1.18 2.20 -2.91
O1 BDG C . -1.19 1.78 -1.51
C2 BDG C . -1.89 3.54 -3.10
N2 BDG C . -1.47 4.47 -2.06
C3 BDG C . -3.41 3.43 -3.07
O3 BDG C . -3.99 4.66 -3.49
C4 BDG C . -3.92 2.29 -3.93
O4 BDG C . -5.32 2.11 -3.72
C6 BDG C . -3.69 -0.09 -4.50
N6 BDG C . -2.72 -1.16 -4.61
H5 BDG C . -3.33 0.75 -2.53
H1 BDG C . -0.16 2.28 -3.30
H2 BDG C . -1.60 3.94 -4.08
HN21 BDG C . -2.02 5.27 -1.99
HN22 BDG C . -1.47 4.05 -1.18
H3 BDG C . -3.71 3.17 -2.05
HO3 BDG C . -3.48 5.10 -4.17
H4 BDG C . -3.75 2.51 -4.99
HO4 BDG C . -5.84 2.67 -4.30
H61 BDG C . -3.93 0.43 -5.46
H62 BDG C . -4.64 -0.42 -4.08
HN61 BDG C . -2.65 -1.81 -3.87
HN62 BDG C . -1.82 -0.97 -4.92
C1 CYY D . 2.98 1.11 -1.61
C2 CYY D . 2.55 2.45 -1.04
C3 CYY D . 1.10 2.73 -1.40
C4 CYY D . 0.15 1.61 -0.95
C5 CYY D . 0.66 0.18 -1.24
C6 CYY D . 2.16 0.01 -0.96
N1 CYY D . 4.39 0.90 -1.37
N3 CYY D . 0.69 3.99 -0.80
O5 CYY D . -0.05 -0.75 -0.40
O6 CYY D . 2.59 -1.25 -1.42
H1 CYY D . 2.80 1.09 -2.70
H21 CYY D . 3.20 3.23 -1.42
H22 CYY D . 2.65 2.42 0.06
H3 CYY D . 1.04 2.79 -2.46
H4 CYY D . 0.07 1.79 0.12
H5 CYY D . 0.52 -0.06 -2.29
H6 CYY D . 2.35 0.08 0.13
HN11 CYY D . 5.00 1.64 -1.15
HN12 CYY D . 4.90 0.25 -1.90
HN31 CYY D . 0.33 3.99 0.11
HN32 CYY D . 1.26 4.78 -0.90
HO6 CYY D . 2.13 -1.96 -0.96
O5 RIB B . 2.76 2.32 2.97
C5 RIB B . 2.20 2.30 1.67
C4 RIB B . 0.82 1.64 1.71
O4 RIB B . 0.12 1.86 0.47
C3 RIB B . 0.94 0.14 1.85
O3 RIB B . 1.14 -0.24 3.22
C2 RIB B . -0.38 -0.37 1.26
O2 RIB B . -1.43 -0.24 2.19
C1 RIB B . -0.56 0.64 0.09
HO5 RIB B . 3.59 2.82 2.96
H51 RIB B . 2.09 3.32 1.29
H52 RIB B . 2.84 1.74 0.97
H4 RIB B . 0.27 2.05 2.54
H3 RIB B . 1.73 -0.21 1.24
H2 RIB B . -0.29 -1.39 0.93
HO2 RIB B . -2.22 -0.66 1.82
H1 RIB B . -1.63 0.85 -0.06
C5 IDG B . 2.06 -3.71 2.56
O5 IDG B . 2.04 -2.28 2.41
C1 IDG B . 1.24 -1.65 3.43
C2 IDG B . 1.84 -1.93 4.81
N2 IDG B . 3.09 -1.20 4.98
C3 IDG B . 2.08 -3.42 5.06
O3 IDG B . 0.83 -4.07 5.32
C4 IDG B . 2.76 -4.09 3.87
O4 IDG B . 4.13 -3.71 3.83
C6 IDG B . 2.71 -4.38 1.35
N6 IDG B . 3.57 -3.46 0.64
H5 IDG B . 1.05 -4.05 2.59
H1 IDG B . 0.22 -2.07 3.39
H2 IDG B . 1.11 -1.59 5.55
HN21 IDG B . 3.44 -1.04 5.88
HN22 IDG B . 3.27 -0.39 4.44
H3 IDG B . 2.74 -3.53 5.93
HO3 IDG B . 0.80 -4.37 6.24
H4 IDG B . 2.71 -5.18 4.00
HO4 IDG B . 4.25 -2.93 3.28
H61 IDG B . 3.24 -5.28 1.71
H62 IDG B . 1.88 -4.73 0.72
HN61 IDG B . 4.54 -3.44 0.84
HN62 IDG B . 3.48 -3.36 -0.33
C5 BDG C . -3.61 1.12 -5.63
O5 BDG C . -2.18 1.05 -5.48
C1 BDG C . -1.71 1.52 -4.19
O1 BDG C . -2.06 0.63 -3.11
C2 BDG C . -2.16 2.96 -3.91
N2 BDG C . -1.85 3.33 -2.54
C3 BDG C . -3.64 3.19 -4.19
O3 BDG C . -3.92 4.58 -4.21
C4 BDG C . -4.09 2.56 -5.50
O4 BDG C . -5.50 2.64 -5.62
C6 BDG C . -4.00 0.61 -7.02
N6 BDG C . -5.35 0.06 -7.01
H5 BDG C . -4.05 0.52 -4.82
H1 BDG C . -0.61 1.51 -4.26
H2 BDG C . -1.56 3.63 -4.55
HN21 BDG C . -1.84 4.28 -2.32
HN22 BDG C . -2.29 2.86 -1.79
H3 BDG C . -4.20 2.68 -3.41
HO3 BDG C . -3.62 5.00 -5.03
H4 BDG C . -3.64 3.08 -6.32
HO4 BDG C . -5.96 2.03 -5.04
H61 BDG C . -3.26 -0.09 -7.40
H62 BDG C . -4.03 1.52 -7.66
HN61 BDG C . -6.11 0.66 -7.14
HN62 BDG C . -5.53 -0.75 -7.54
C1 CYY D . -0.73 -3.39 -2.29
C2 CYY D . -1.30 -3.05 -3.65
C3 CYY D . -2.10 -1.74 -3.61
C4 CYY D . -1.26 -0.58 -3.11
C5 CYY D . -0.78 -0.94 -1.69
C6 CYY D . 0.07 -2.22 -1.72
N1 CYY D . 0.11 -4.56 -2.37
N3 CYY D . -2.63 -1.47 -4.94
O5 CYY D . 0.00 0.13 -1.13
O6 CYY D . 0.53 -2.53 -0.42
H1 CYY D . -1.54 -3.57 -1.57
H21 CYY D . -1.91 -3.88 -3.99
H22 CYY D . -0.51 -2.94 -4.40
H3 CYY D . -2.89 -1.68 -2.82
H4 CYY D . -0.39 -0.44 -3.77
H5 CYY D . -1.65 -1.12 -1.04
H6 CYY D . 0.93 -2.05 -2.37
HN11 CYY D . 0.63 -4.87 -1.60
HN12 CYY D . 0.64 -4.74 -3.17
HN31 CYY D . -3.31 -2.06 -5.31
HN32 CYY D . -2.01 -1.23 -5.66
HO6 CYY D . 1.34 -2.07 -0.24
O5 RIB B . 2.14 3.96 1.49
C5 RIB B . 1.15 4.16 2.48
C4 RIB B . 0.03 3.14 2.32
O4 RIB B . -0.61 3.29 1.04
C3 RIB B . 0.58 1.73 2.34
O3 RIB B . 0.78 1.26 3.69
C2 RIB B . -0.48 0.95 1.58
O2 RIB B . -1.60 0.67 2.42
C1 RIB B . -0.89 1.97 0.50
HO5 RIB B . 2.69 4.75 1.42
H51 RIB B . 1.59 4.06 3.48
H52 RIB B . 0.72 5.17 2.40
H4 RIB B . -0.68 3.27 3.13
H3 RIB B . 1.49 1.70 1.79
H2 RIB B . -0.07 0.03 1.16
HO2 RIB B . -2.28 0.24 1.91
H1 RIB B . -1.96 1.90 0.25
C5 IDG B . 2.68 -1.75 2.85
O5 IDG B . 2.29 -0.36 2.84
C1 IDG B . 1.20 -0.12 3.75
C2 IDG B . 1.61 -0.47 5.18
N2 IDG B . 2.54 0.51 5.70
C3 IDG B . 2.20 -1.87 5.30
O3 IDG B . 1.17 -2.85 5.20
C4 IDG B . 3.25 -2.13 4.21
O4 IDG B . 4.42 -1.35 4.48
C6 IDG B . 3.66 -2.06 1.72
N6 IDG B . 4.65 -1.02 1.61
H5 IDG B . 1.79 -2.34 2.66
H1 IDG B . 0.34 -0.74 3.45
H2 IDG B . 0.68 -0.46 5.78
HN21 IDG B . 2.48 1.46 5.43
HN22 IDG B . 2.82 0.49 6.63
H3 IDG B . 2.71 -1.97 6.27
HO3 IDG B . 0.42 -2.67 5.78
H4 IDG B . 3.52 -3.19 4.22
HO4 IDG B . 4.32 -0.47 4.11
H61 IDG B . 4.08 -3.05 1.96
H62 IDG B . 3.05 -2.17 0.82
HN61 IDG B . 5.59 -1.21 1.85
HN62 IDG B . 4.67 -0.42 0.84
C5 BDG C . -4.41 0.87 -4.65
O5 BDG C . -3.00 0.92 -4.94
C1 BDG C . -2.24 1.73 -4.01
O1 BDG C . -2.05 1.07 -2.74
C2 BDG C . -2.83 3.14 -3.85
N2 BDG C . -2.30 3.76 -2.64
C3 BDG C . -4.36 3.20 -3.83
O3 BDG C . -4.79 4.52 -4.07
C4 BDG C . -5.00 2.25 -4.83
O4 BDG C . -6.41 2.22 -4.63
C6 BDG C . -5.11 -0.10 -5.60
N6 BDG C . -4.27 -1.25 -5.85
H5 BDG C . -4.53 0.53 -3.61
H1 BDG C . -1.24 1.85 -4.46
H2 BDG C . -2.49 3.74 -4.70
HN21 BDG C . -2.91 4.29 -2.08
HN22 BDG C . -1.68 3.28 -2.06
H3 BDG C . -4.73 2.79 -2.91
HO3 BDG C . -5.62 4.47 -4.56
H4 BDG C . -4.86 2.52 -5.88
HO4 BDG C . -6.88 1.93 -5.41
H61 BDG C . -5.35 0.46 -6.53
H62 BDG C . -6.05 -0.37 -5.13
HN61 BDG C . -4.64 -2.15 -5.71
HN62 BDG C . -3.71 -1.29 -6.66
C1 CYY D . 1.08 -1.68 -1.65
C2 CYY D . 0.46 -1.75 -3.04
C3 CYY D . -0.88 -1.02 -3.08
C4 CYY D . -0.76 0.44 -2.64
C5 CYY D . -0.22 0.44 -1.21
C6 CYY D . 1.16 -0.23 -1.18
N1 CYY D . 2.39 -2.28 -1.67
N3 CYY D . -1.45 -1.11 -4.41
O5 CYY D . -0.10 1.78 -0.71
O6 CYY D . 1.70 -0.18 0.13
H1 CYY D . 0.43 -2.23 -0.95
H21 CYY D . 0.35 -2.80 -3.34
H22 CYY D . 1.12 -1.32 -3.80
H3 CYY D . -1.57 -1.35 -2.28
H4 CYY D . -0.05 0.97 -3.30
H5 CYY D . -0.91 -0.13 -0.58
H6 CYY D . 1.83 0.33 -1.85
HN11 CYY D . 3.12 -1.92 -1.11
HN12 CYY D . 2.80 -2.61 -2.50
HN31 CYY D . -0.97 -1.55 -5.15
HN32 CYY D . -2.39 -1.36 -4.50
HO6 CYY D . 2.37 0.50 0.20
O5 RIB B . 2.86 -2.16 -0.53
C5 RIB B . 2.67 -1.25 -1.60
C4 RIB B . 2.31 0.13 -1.05
O4 RIB B . 1.26 0.75 -1.85
C3 RIB B . 1.79 0.12 0.37
O3 RIB B . 2.87 0.03 1.33
C2 RIB B . 1.07 1.46 0.43
O2 RIB B . 2.02 2.52 0.58
C1 RIB B . 0.42 1.54 -0.96
HO5 RIB B . 3.80 -2.41 -0.45
H51 RIB B . 3.60 -1.15 -2.18
H52 RIB B . 1.91 -1.61 -2.29
H4 RIB B . 3.19 0.78 -1.11
H3 RIB B . 1.08 -0.70 0.54
H2 RIB B . 0.32 1.46 1.23
HO2 RIB B . 2.77 2.24 1.13
H1 RIB B . 0.39 2.56 -1.32
C5 IDG B . 3.73 -2.49 3.83
O5 IDG B . 3.90 -1.39 2.93
C1 IDG B . 2.66 -1.05 2.27
C2 IDG B . 1.58 -0.67 3.28
N2 IDG B . 1.81 0.67 3.80
C3 IDG B . 1.46 -1.67 4.44
O3 IDG B . 0.77 -2.83 3.99
C4 IDG B . 2.83 -2.07 4.98
O4 IDG B . 3.41 -0.97 5.68
C6 IDG B . 5.09 -2.97 4.36
N6 IDG B . 6.04 -3.08 3.27
H5 IDG B . 3.26 -3.31 3.28
H1 IDG B . 2.33 -1.94 1.70
H2 IDG B . 0.60 -0.75 2.79
HN21 IDG B . 2.48 1.26 3.41
HN22 IDG B . 1.78 0.87 4.77
H3 IDG B . 0.91 -1.19 5.26
HO3 IDG B . 0.17 -3.13 4.67
H4 IDG B . 2.70 -2.92 5.66
HO4 IDG B . 3.96 -0.44 5.10
H61 IDG B . 5.44 -2.29 5.14
H62 IDG B . 4.89 -3.96 4.80
HN61 IDG B . 6.70 -3.81 3.25
HN62 IDG B . 6.46 -2.28 2.90
C5 BDG C . -4.25 1.04 -5.66
O5 BDG C . -2.82 1.06 -5.88
C1 BDG C . -2.11 1.74 -4.82
O1 BDG C . -2.26 1.07 -3.55
C2 BDG C . -2.56 3.19 -4.71
N2 BDG C . -1.94 3.82 -3.56
C3 BDG C . -4.08 3.30 -4.63
O3 BDG C . -4.47 4.66 -4.74
C4 BDG C . -4.80 2.46 -5.67
O4 BDG C . -6.20 2.44 -5.43
C6 BDG C . -4.93 0.23 -6.75
N6 BDG C . -4.08 -0.87 -7.18
H5 BDG C . -4.42 0.59 -4.66
H1 BDG C . -1.05 1.73 -5.11
H2 BDG C . -2.22 3.74 -5.61
HN21 BDG C . -0.97 3.88 -3.53
HN22 BDG C . -2.25 3.56 -2.66
H3 BDG C . -4.39 2.90 -3.66
HO3 BDG C . -3.91 5.20 -4.17
H4 BDG C . -4.62 2.85 -6.67
HO4 BDG C . -6.60 3.28 -5.68
H61 BDG C . -5.16 0.92 -7.58
H62 BDG C . -5.89 -0.13 -6.36
HN61 BDG C . -4.29 -1.79 -6.91
HN62 BDG C . -3.74 -0.91 -8.10
C1 CYY D . -0.43 -2.52 -2.25
C2 CYY D . -0.13 -2.04 -3.66
C3 CYY D . -1.15 -1.02 -4.10
C4 CYY D . -1.13 0.23 -3.21
C5 CYY D . -1.20 -0.14 -1.72
C6 CYY D . -0.37 -1.35 -1.27
N1 CYY D . 0.52 -3.54 -1.87
N3 CYY D . -0.92 -0.66 -5.48
O5 CYY D . -0.93 1.01 -0.88
O6 CYY D . -0.81 -1.78 0.01
H1 CYY D . -1.46 -2.90 -2.21
H21 CYY D . -0.16 -2.90 -4.34
H22 CYY D . 0.88 -1.60 -3.72
H3 CYY D . -2.16 -1.42 -3.95
H4 CYY D . -0.20 0.78 -3.43
H5 CYY D . -2.25 -0.40 -1.51
H6 CYY D . 0.65 -1.10 -1.17
HN11 CYY D . 0.96 -4.09 -2.56
HN12 CYY D . 1.14 -3.41 -1.14
HN31 CYY D . -0.02 -0.73 -5.87
HN32 CYY D . -1.56 -0.93 -6.18
HO6 CYY D . -1.14 -2.69 -0.01
O5 RIB B . 3.15 -1.25 1.23
C5 RIB B . 3.08 0.09 0.75
C4 RIB B . 2.16 0.92 1.65
O4 RIB B . 1.03 1.43 0.91
C3 RIB B . 1.55 0.13 2.81
O3 RIB B . 2.47 0.00 3.91
C2 RIB B . 0.37 1.02 3.17
O2 RIB B . 0.80 2.15 3.91
C1 RIB B . -0.13 1.46 1.78
HO5 RIB B . 3.89 -1.69 0.78
H51 RIB B . 4.07 0.56 0.74
H52 RIB B . 2.69 0.12 -0.27
H4 RIB B . 2.72 1.77 2.06
H3 RIB B . 1.18 -0.80 2.40
H2 RIB B . -0.36 0.40 3.71
HO2 RIB B . 1.57 1.94 4.47
H1 RIB B . -0.53 2.48 1.81
C5 IDG B . 3.31 -2.88 6.05
O5 IDG B . 2.91 -1.54 5.68
C1 IDG B . 2.75 -1.38 4.26
C2 IDG B . 1.65 -2.33 3.74
N2 IDG B . 0.34 -1.90 4.18
C3 IDG B . 1.93 -3.78 4.16
O3 IDG B . 3.01 -4.30 3.40
C4 IDG B . 2.24 -3.88 5.65
O4 IDG B . 1.06 -3.66 6.40
C6 IDG B . 3.55 -2.96 7.56
N6 IDG B . 4.92 -3.36 7.82
H5 IDG B . 4.25 -3.10 5.51
H1 IDG B . 3.70 -1.63 3.76
H2 IDG B . 1.69 -2.35 2.64
HN21 IDG B . -0.47 -2.46 4.05
HN22 IDG B . 0.20 -1.37 4.99
H3 IDG B . 1.02 -4.37 3.99
HO3 IDG B . 3.12 -3.86 2.54
H4 IDG B . 2.62 -4.89 5.85
HO4 IDG B . 0.90 -2.72 6.55
H61 IDG B . 3.33 -1.99 8.02
H62 IDG B . 2.86 -3.72 7.94
HN61 IDG B . 5.66 -2.73 7.69
HN62 IDG B . 5.13 -3.89 8.62
C5 BDG C . -3.60 1.88 -3.84
O5 BDG C . -2.37 2.53 -3.45
C1 BDG C . -2.29 2.78 -2.03
O1 BDG C . -2.24 1.55 -1.26
C2 BDG C . -3.47 3.63 -1.56
N2 BDG C . -3.46 3.73 -0.10
C3 BDG C . -4.79 3.01 -2.02
O3 BDG C . -5.86 3.85 -1.68
C4 BDG C . -4.78 2.76 -3.50
O4 BDG C . -6.00 2.13 -3.89
C6 BDG C . -3.58 1.60 -5.35
N6 BDG C . -3.19 0.22 -5.60
H5 BDG C . -3.68 0.93 -3.29
H1 BDG C . -1.36 3.35 -1.86
H2 BDG C . -3.39 4.65 -1.99
HN21 BDG C . -4.28 4.00 0.36
HN22 BDG C . -2.99 3.09 0.47
H3 BDG C . -4.89 2.03 -1.55
HO3 BDG C . -6.66 3.32 -1.83
H4 BDG C . -4.78 3.72 -4.04
HO4 BDG C . -6.65 2.80 -4.18
H61 BDG C . -2.92 2.30 -5.85
H62 BDG C . -4.62 1.78 -5.70
HN61 BDG C . -2.36 0.03 -6.08
HN62 BDG C . -3.87 -0.42 -5.91
C1 CYY D . 0.56 -1.54 -1.32
C2 CYY D . 0.86 -0.39 -2.25
C3 CYY D . -0.37 0.51 -2.39
C4 CYY D . -0.89 1.05 -1.06
C5 CYY D . -0.93 -0.04 0.03
C6 CYY D . 0.25 -1.00 0.06
N1 CYY D . 1.71 -2.43 -1.26
N3 CYY D . -0.05 1.60 -3.28
O5 CYY D . -1.16 0.54 1.34
O6 CYY D . -0.04 -2.08 0.94
H1 CYY D . -0.31 -2.05 -1.70
H21 CYY D . 1.12 -0.79 -3.24
H22 CYY D . 1.72 0.20 -1.90
H3 CYY D . -1.26 -0.04 -2.64
H4 CYY D . -0.22 1.87 -0.74
H5 CYY D . -1.82 -0.65 -0.18
H6 CYY D . 1.14 -0.52 0.42
HN11 CYY D . 2.61 -2.11 -1.43
HN12 CYY D . 1.76 -3.12 -0.56
HN31 CYY D . 0.73 2.18 -3.19
HN32 CYY D . -0.24 1.54 -4.24
HO6 CYY D . -0.73 -2.64 0.54
O5 RIB B . 2.09 2.49 3.12
C5 RIB B . 1.88 1.46 2.16
C4 RIB B . 0.43 0.99 2.24
O4 RIB B . -0.34 1.52 1.14
C3 RIB B . 0.33 -0.52 2.11
O3 RIB B . 0.57 -1.17 3.36
C2 RIB B . -1.09 -0.70 1.59
O2 RIB B . -2.00 -0.58 2.66
C1 RIB B . -1.23 0.49 0.65
HO5 RIB B . 1.55 3.25 2.90
H51 RIB B . 2.10 1.84 1.16
H52 RIB B . 2.54 0.61 2.35
H4 RIB B . 0.02 1.31 3.20
H3 RIB B . 0.98 -0.84 1.32
H2 RIB B . -1.18 -1.66 1.05
HO2 RIB B . -2.91 -0.54 2.32
H1 RIB B . -2.27 0.86 0.65
C5 IDG B . 3.63 -2.74 2.09
O5 IDG B . 2.48 -1.88 2.12
C1 IDG B . 1.77 -1.98 3.37
C2 IDG B . 2.68 -1.59 4.54
N2 IDG B . 2.87 -0.15 4.59
C3 IDG B . 4.03 -2.31 4.51
O3 IDG B . 3.87 -3.66 4.91
C4 IDG B . 4.66 -2.27 3.11
O4 IDG B . 5.07 -0.94 2.80
C6 IDG B . 4.20 -2.84 0.67
N6 IDG B . 4.19 -1.54 0.03
H5 IDG B . 3.29 -3.73 2.41
H1 IDG B . 1.47 -3.02 3.53
H2 IDG B . 2.15 -1.94 5.44
HN21 IDG B . 3.55 0.31 4.05
HN22 IDG B . 2.12 0.47 4.70
H3 IDG B . 4.71 -1.78 5.19
HO3 IDG B . 4.44 -3.86 5.65
H4 IDG B . 5.51 -2.95 3.09
HO4 IDG B . 5.50 -0.90 1.94
H61 IDG B . 5.21 -3.25 0.72
H62 IDG B . 3.57 -3.55 0.13
HN61 IDG B . 4.28 -1.47 -0.95
HN62 IDG B . 3.57 -0.83 0.31
C5 BDG C . -4.48 1.99 -4.30
O5 BDG C . -3.63 3.07 -3.87
C1 BDG C . -3.52 3.19 -2.43
O1 BDG C . -2.81 2.06 -1.87
C2 BDG C . -4.90 3.33 -1.77
N2 BDG C . -4.73 3.23 -0.34
C3 BDG C . -5.86 2.23 -2.26
O3 BDG C . -7.16 2.46 -1.76
C4 BDG C . -5.89 2.20 -3.76
O4 BDG C . -6.76 1.16 -4.22
C6 BDG C . -4.52 1.91 -5.82
N6 BDG C . -4.08 0.60 -6.27
H5 BDG C . -4.08 1.05 -3.88
H1 BDG C . -3.07 4.15 -2.40
H2 BDG C . -5.39 4.32 -1.92
HN21 BDG C . -5.45 2.85 0.19
HN22 BDG C . -3.89 3.00 0.10
H3 BDG C . -5.58 1.22 -1.98
HO3 BDG C . -7.79 1.99 -2.32
H4 BDG C . -6.27 3.18 -4.08
HO4 BDG C . -6.33 0.53 -4.81
H61 BDG C . -3.91 2.71 -6.25
H62 BDG C . -5.59 2.08 -6.12
HN61 BDG C . -3.27 0.19 -5.90
HN62 BDG C . -4.13 0.37 -7.21
C1 CYY D . 1.28 2.94 -1.94
C2 CYY D . 0.41 4.04 -1.35
C3 CYY D . -1.05 3.79 -1.69
C4 CYY D . -1.55 2.41 -1.23
C5 CYY D . -0.54 1.27 -1.51
C6 CYY D . 0.92 1.63 -1.26
N1 CYY D . 2.69 3.25 -1.72
N3 CYY D . -1.86 4.84 -1.10
O5 CYY D . -0.88 0.12 -0.70
O6 CYY D . 1.76 0.60 -1.75
H1 CYY D . 1.10 2.86 -3.02
H21 CYY D . 0.72 5.01 -1.76
H22 CYY D . 0.54 4.05 -0.26
H3 CYY D . -1.19 3.72 -2.74
H4 CYY D . -1.69 2.49 -0.15
H5 CYY D . -0.61 1.01 -2.58
H6 CYY D . 1.12 1.73 -0.20
HN11 CYY D . 3.38 2.67 -2.12
HN12 CYY D . 3.01 3.54 -0.84
HN31 CYY D . -1.68 5.12 -0.19
HN32 CYY D . -2.03 5.65 -1.64
HO6 CYY D . 1.35 -0.27 -1.62
O5 RIB B . 0.11 -1.91 5.67
C5 RIB B . -0.08 -0.84 4.75
C4 RIB B . 0.27 -1.31 3.35
O4 RIB B . -0.85 -1.15 2.45
C3 RIB B . 1.39 -0.48 2.76
O3 RIB B . 2.70 -0.92 3.21
C2 RIB B . 1.18 -0.69 1.27
O2 RIB B . 1.71 -1.95 0.88
C1 RIB B . -0.36 -0.71 1.17
HO5 RIB B . -0.32 -2.69 5.32
H51 RIB B . -1.11 -0.45 4.77
H52 RIB B . 0.63 -0.05 5.02
H4 RIB B . 0.48 -2.38 3.38
H3 RIB B . 1.25 0.59 3.01
H2 RIB B . 1.62 0.16 0.74
HO2 RIB B . 2.29 -1.83 0.12
H1 RIB B . -0.79 -1.41 0.47
C5 IDG B . 4.07 -4.27 2.73
O5 IDG B . 3.96 -2.83 2.66
C1 IDG B . 2.80 -2.34 3.36
C2 IDG B . 2.91 -2.71 4.85
N2 IDG B . 3.90 -1.88 5.51
C3 IDG B . 3.21 -4.20 5.08
O3 IDG B . 2.04 -4.96 4.85
C4 IDG B . 4.34 -4.69 4.18
O4 IDG B . 5.59 -4.17 4.63
C6 IDG B . 5.17 -4.77 1.79
N6 IDG B . 6.11 -3.72 1.48
H5 IDG B . 3.11 -4.67 2.43
H1 IDG B . 1.94 -2.84 2.92
H2 IDG B . 1.94 -2.54 5.31
HN21 IDG B . 3.66 -1.36 6.31
HN22 IDG B . 4.52 -1.32 4.98
H3 IDG B . 3.54 -4.31 6.13
HO3 IDG B . 2.15 -5.87 5.14
H4 IDG B . 4.35 -5.78 4.21
HO4 IDG B . 5.90 -3.48 4.03
H61 IDG B . 5.69 -5.62 2.27
H62 IDG B . 4.68 -5.14 0.88
HN61 IDG B . 7.03 -3.92 1.20
HN62 IDG B . 5.81 -2.94 0.97
C5 BDG C . -4.82 2.22 -2.93
O5 BDG C . -3.89 3.24 -2.51
C1 BDG C . -3.75 3.32 -1.07
O1 BDG C . -3.00 2.21 -0.53
C2 BDG C . -5.11 3.46 -0.37
N2 BDG C . -4.95 3.24 1.05
C3 BDG C . -6.18 2.52 -0.92
O3 BDG C . -7.45 2.88 -0.41
C4 BDG C . -6.21 2.58 -2.43
O4 BDG C . -7.15 1.65 -2.93
C6 BDG C . -4.83 2.09 -4.45
N6 BDG C . -4.09 0.93 -4.86
H5 BDG C . -4.51 1.26 -2.48
H1 BDG C . -3.22 4.25 -0.81
H2 BDG C . -5.56 4.48 -0.50
HN21 BDG C . -5.68 3.14 1.68
HN22 BDG C . -4.13 3.40 1.57
H3 BDG C . -6.00 1.48 -0.74
HO3 BDG C . -8.08 2.28 -0.84
H4 BDG C . -6.48 3.60 -2.74
HO4 BDG C . -7.68 2.00 -3.65
H61 BDG C . -4.40 3.00 -4.90
H62 BDG C . -5.89 2.03 -4.76
HN61 BDG C . -4.21 0.56 -5.76
HN62 BDG C . -3.98 0.17 -4.24
C1 CYY D . 0.53 1.32 -2.59
C2 CYY D . 0.14 2.78 -2.58
C3 CYY D . -1.31 2.92 -2.12
C4 CYY D . -1.56 2.32 -0.74
C5 CYY D . -0.93 0.92 -0.55
C6 CYY D . 0.48 0.77 -1.17
N1 CYY D . 1.86 1.17 -3.14
N3 CYY D . -1.63 4.35 -2.11
O5 CYY D . -0.85 0.63 0.88
O6 CYY D . 0.85 -0.59 -1.21
H1 CYY D . -0.20 0.77 -3.20
H21 CYY D . 0.28 3.22 -3.57
H22 CYY D . 0.78 3.31 -1.86
H3 CYY D . -1.96 2.33 -2.76
H4 CYY D . -1.12 3.01 -0.01
H5 CYY D . -1.55 0.17 -1.06
H6 CYY D . 1.19 1.36 -0.56
HN11 CYY D . 2.09 1.51 -4.04
HN12 CYY D . 2.66 1.23 -2.59
HN31 CYY D . -1.00 4.99 -1.74
HN32 CYY D . -2.05 4.76 -2.90
HO6 CYY D . 0.43 -1.04 -1.95
O5 RIB B . 1.24 -0.61 5.53
C5 RIB B . 1.29 -0.44 4.12
C4 RIB B . 0.15 -1.22 3.46
O4 RIB B . -0.33 -0.52 2.29
C3 RIB B . 0.62 -2.57 2.95
O3 RIB B . 0.64 -3.57 4.00
C2 RIB B . -0.42 -2.87 1.89
O2 RIB B . -1.61 -3.34 2.51
C1 RIB B . -0.67 -1.49 1.26
HO5 RIB B . 0.46 -1.09 5.85
H51 RIB B . 1.22 0.61 3.85
H52 RIB B . 2.25 -0.81 3.74
H4 RIB B . -0.69 -1.40 4.14
H3 RIB B . 1.58 -2.25 2.64
H2 RIB B . -0.03 -3.55 1.13
HO2 RIB B . -1.41 -3.70 3.37
H1 RIB B . -1.72 -1.37 0.96
C5 IDG B . 2.33 -3.24 7.23
O5 IDG B . 1.28 -3.45 6.27
C1 IDG B . 1.75 -3.41 4.91
C2 IDG B . 2.78 -4.50 4.68
N2 IDG B . 2.16 -5.82 4.69
C3 IDG B . 3.93 -4.44 5.68
O3 IDG B . 4.76 -3.32 5.39
C4 IDG B . 3.38 -4.34 7.11
O4 IDG B . 2.85 -5.59 7.51
C6 IDG B . 1.73 -3.25 8.64
N6 IDG B . 2.05 -2.02 9.32
H5 IDG B . 2.78 -2.26 7.03
H1 IDG B . 2.23 -2.44 4.72
H2 IDG B . 3.22 -4.34 3.68
HN21 IDG B . 1.31 -5.97 5.14
HN22 IDG B . 2.70 -6.63 4.80
H3 IDG B . 4.50 -5.37 5.62
HO3 IDG B . 5.55 -3.60 4.92
H4 IDG B . 4.23 -4.05 7.76
HO4 IDG B . 1.89 -5.56 7.56
H61 IDG B . 0.65 -3.43 8.51
H62 IDG B . 2.12 -4.13 9.17
HN61 IDG B . 1.45 -1.69 10.03
HN62 IDG B . 2.97 -1.83 9.61
C5 BDG C . -2.73 1.63 -3.51
O5 BDG C . -1.60 2.34 -2.96
C1 BDG C . -1.57 2.35 -1.50
O1 BDG C . -1.22 1.06 -0.95
C2 BDG C . -2.90 2.88 -0.93
N2 BDG C . -2.93 2.73 0.51
C3 BDG C . -4.09 2.15 -1.54
O3 BDG C . -5.31 2.66 -1.05
C4 BDG C . -4.04 2.25 -3.05
O4 BDG C . -5.15 1.56 -3.61
C6 BDG C . -2.69 1.68 -5.03
N6 BDG C . -2.26 0.40 -5.56
H5 BDG C . -2.68 0.58 -3.17
H1 BDG C . -0.80 3.11 -1.34
H2 BDG C . -2.93 3.96 -1.17
HN21 BDG C . -2.48 1.99 0.98
HN22 BDG C . -3.76 2.92 1.00
H3 BDG C . -4.11 1.10 -1.34
HO3 BDG C . -5.98 2.45 -1.69
H4 BDG C . -4.11 3.32 -3.34
HO4 BDG C . -4.90 0.71 -3.99
H61 BDG C . -2.03 2.49 -5.38
H62 BDG C . -3.73 1.92 -5.36
HN61 BDG C . -1.88 0.33 -6.46
HN62 BDG C . -2.81 -0.41 -5.42
C1 CYY D . 2.67 1.45 0.69
C2 CYY D . 1.66 2.50 1.13
C3 CYY D . 0.45 2.48 0.22
C4 CYY D . -0.25 1.10 0.14
C5 CYY D . 0.79 -0.03 -0.04
C6 CYY D . 2.03 0.08 0.85
N1 CYY D . 3.86 1.54 1.52
N3 CYY D . -0.48 3.50 0.68
O5 CYY D . 0.20 -1.34 0.11
O6 CYY D . 2.97 -0.93 0.49
H1 CYY D . 2.93 1.61 -0.36
H21 CYY D . 2.13 3.49 1.13
H22 CYY D . 1.36 2.26 2.16
H3 CYY D . 0.77 2.66 -0.79
H4 CYY D . -0.81 0.98 1.06
H5 CYY D . 1.14 0.02 -1.08
H6 CYY D . 1.74 -0.04 1.89
HN11 CYY D . 4.48 0.78 1.58
HN12 CYY D . 4.40 2.36 1.52
HN31 CYY D . -0.41 4.43 0.36
HN32 CYY D . -0.73 3.54 1.63
HO6 CYY D . 3.26 -0.83 -0.42
O5 RIB B . 2.78 0.87 3.63
C5 RIB B . 2.37 0.20 2.45
C4 RIB B . 0.86 -0.01 2.46
O4 RIB B . 0.24 0.81 1.44
C3 RIB B . 0.46 -1.43 2.12
O3 RIB B . 0.52 -2.30 3.27
C2 RIB B . -0.96 -1.25 1.61
O2 RIB B . -1.86 -1.10 2.70
C1 RIB B . -0.85 0.08 0.84
HO5 RIB B . 3.08 1.77 3.41
H51 RIB B . 2.63 0.80 1.56
H52 RIB B . 2.90 -0.76 2.32
H4 RIB B . 0.47 0.27 3.44
H3 RIB B . 1.10 -1.82 1.35
H2 RIB B . -1.25 -2.07 0.93
HO2 RIB B . -1.47 -1.47 3.50
H1 RIB B . -1.79 0.64 0.93
C5 IDG B . 3.01 -2.74 5.92
O5 IDG B . 1.73 -2.68 5.26
C1 IDG B . 1.84 -2.40 3.85
C2 IDG B . 2.64 -3.51 3.17
N2 IDG B . 1.86 -4.74 3.13
C3 IDG B . 3.99 -3.76 3.84
O3 IDG B . 4.87 -2.69 3.52
C4 IDG B . 3.84 -3.89 5.35
O4 IDG B . 3.24 -5.14 5.67
C6 IDG B . 2.82 -2.94 7.42
N6 IDG B . 3.21 -1.75 8.14
H5 IDG B . 3.54 -1.79 5.74
H1 IDG B . 2.33 -1.45 3.73
H2 IDG B . 2.83 -3.19 2.14
HN21 IDG B . 1.25 -4.91 3.88
HN22 IDG B . 2.33 -5.58 2.96
H3 IDG B . 4.39 -4.71 3.46
HO3 IDG B . 5.56 -3.00 2.92
H4 IDG B . 4.85 -3.84 5.79
HO4 IDG B . 2.42 -5.04 6.17
H61 IDG B . 1.75 -3.21 7.57
H62 IDG B . 3.40 -3.81 7.74
HN61 IDG B . 3.14 -1.70 9.12
HN62 IDG B . 3.02 -0.85 7.80
C5 BDG C . -4.60 2.45 -3.28
O5 BDG C . -3.48 3.33 -3.09
C1 BDG C . -2.99 3.33 -1.72
O1 BDG C . -2.32 2.07 -1.41
C2 BDG C . -4.12 3.61 -0.71
N2 BDG C . -3.66 3.28 0.64
C3 BDG C . -5.37 2.78 -1.03
O3 BDG C . -6.44 3.11 -0.15
C4 BDG C . -5.78 2.92 -2.46
O4 BDG C . -6.91 2.10 -2.73
C6 BDG C . -4.98 2.37 -4.76
N6 BDG C . -4.40 1.20 -5.37
H5 BDG C . -4.30 1.45 -2.94
H1 BDG C . -2.35 4.19 -1.81
H2 BDG C . -4.33 4.74 -0.75
HN21 BDG C . -4.32 3.13 1.36
HN22 BDG C . -2.87 2.75 0.84
H3 BDG C . -5.20 1.72 -0.96
HO3 BDG C . -7.27 2.80 -0.52
H4 BDG C . -6.04 3.97 -2.66
HO4 BDG C . -6.63 1.18 -2.82
H61 BDG C . -4.67 3.27 -5.29
H62 BDG C . -6.11 2.34 -4.75
HN61 BDG C . -4.94 0.64 -5.98
HN62 BDG C . -3.50 1.24 -5.75
C1 CYY D . 1.84 2.50 -1.67
C2 CYY D . 1.13 3.63 -0.96
C3 CYY D . -0.36 3.57 -1.22
C4 CYY D . -0.99 2.22 -0.82
C5 CYY D . -0.14 1.00 -1.26
C6 CYY D . 1.37 1.19 -1.07
N1 CYY D . 3.28 2.64 -1.50
N3 CYY D . -1.01 4.66 -0.51
O5 CYY D . -0.55 -0.18 -0.55
O6 CYY D . 2.06 0.12 -1.70
H1 CYY D . 1.59 2.51 -2.74
H21 CYY D . 1.52 4.59 -1.32
H22 CYY D . 1.32 3.56 0.12
H3 CYY D . -0.58 3.58 -2.26
H4 CYY D . -1.07 2.22 0.27
H5 CYY D . -0.30 0.84 -2.34
H6 CYY D . 1.64 1.21 -0.02
HN11 CYY D . 3.81 1.93 -1.07
HN12 CYY D . 3.83 3.01 -2.23
HN31 CYY D . -0.76 4.81 0.42
HN32 CYY D . -1.06 5.54 -0.95
HO6 CYY D . 1.67 -0.74 -1.47
O5 RIB B . 2.29 -1.89 0.76
C5 RIB B . 2.26 -1.04 -0.37
C4 RIB B . 1.81 0.37 0.04
O4 RIB B . 0.82 0.88 -0.88
C3 RIB B . 1.17 0.43 1.41
O3 RIB B . 2.17 0.44 2.46
C2 RIB B . 0.41 1.73 1.32
O2 RIB B . 1.31 2.83 1.46
C1 RIB B . -0.12 1.69 -0.13
HO5 RIB B . 3.10 -1.73 1.27
H51 RIB B . 3.26 -0.96 -0.82
H52 RIB B . 1.60 -1.44 -1.15
H4 RIB B . 2.68 1.04 0.01
H3 RIB B . 0.48 -0.41 1.57
H2 RIB B . -0.39 1.76 2.06
HO2 RIB B . 1.90 2.71 2.21
H1 RIB B . -0.19 2.71 -0.52
C5 IDG B . 3.07 -2.10 4.93
O5 IDG B . 3.23 -1.00 4.01
C1 IDG B . 1.98 -0.62 3.42
C2 IDG B . 0.97 -0.19 4.50
N2 IDG B . 1.29 1.13 5.00
C3 IDG B . 0.87 -1.20 5.66
O3 IDG B . 0.10 -2.32 5.25
C4 IDG B . 2.25 -1.66 6.13
O4 IDG B . 2.91 -0.61 6.82
C6 IDG B . 4.44 -2.63 5.37
N6 IDG B . 5.28 -2.87 4.22
H5 IDG B . 2.56 -2.89 4.38
H1 IDG B . 1.57 -1.50 2.89
H2 IDG B . -0.04 -0.23 4.05
HN21 IDG B . 1.34 1.32 5.96
HN22 IDG B . 1.94 1.72 4.55
H3 IDG B . 0.38 -0.69 6.50
HO3 IDG B . -0.47 -2.61 5.96
H4 IDG B . 2.11 -2.52 6.80
HO4 IDG B . 3.30 0.01 6.20
H61 IDG B . 4.91 -1.93 6.07
H62 IDG B . 4.22 -3.57 5.90
HN61 IDG B . 5.55 -3.79 3.97
HN62 IDG B . 6.03 -2.28 4.01
C5 BDG C . -3.82 1.43 -5.63
O5 BDG C . -2.39 1.37 -5.38
C1 BDG C . -1.98 1.91 -4.10
O1 BDG C . -2.42 1.10 -2.98
C2 BDG C . -2.42 3.37 -3.93
N2 BDG C . -2.18 3.80 -2.57
C3 BDG C . -3.90 3.56 -4.27
O3 BDG C . -4.19 4.95 -4.37
C4 BDG C . -4.31 2.88 -5.57
O4 BDG C . -5.72 2.94 -5.73
C6 BDG C . -4.11 0.91 -7.03
N6 BDG C . -5.52 0.63 -7.20
H5 BDG C . -4.30 0.84 -4.84
H1 BDG C . -0.90 1.88 -4.10
H2 BDG C . -1.86 3.98 -4.64
HN21 BDG C . -2.52 4.67 -2.31
HN22 BDG C . -2.35 3.18 -1.82
H3 BDG C . -4.47 3.08 -3.48
HO3 BDG C . -4.68 5.14 -5.17
H4 BDG C . -3.81 3.39 -6.36
HO4 BDG C . -6.16 2.20 -5.29
H61 BDG C . -3.45 0.08 -7.31
H62 BDG C . -3.93 1.81 -7.67
HN61 BDG C . -6.13 1.37 -7.40
HN62 BDG C . -5.77 -0.12 -7.78
C1 CYY D . -0.66 -2.43 -1.31
C2 CYY D . -0.27 -2.00 -2.73
C3 CYY D . -1.29 -1.02 -3.27
C4 CYY D . -1.36 0.26 -2.45
C5 CYY D . -1.61 -0.06 -0.96
C6 CYY D . -0.79 -1.22 -0.38
N1 CYY D . 0.31 -3.36 -0.78
N3 CYY D . -0.98 -0.73 -4.66
O5 CYY D . -1.46 1.11 -0.13
O6 CYY D . -1.33 -1.64 0.86
H1 CYY D . -1.64 -2.92 -1.37
H21 CYY D . -0.25 -2.89 -3.37
H22 CYY D . 0.72 -1.55 -2.75
H3 CYY D . -2.30 -1.44 -3.17
H4 CYY D . -0.42 0.81 -2.57
H5 CYY D . -2.67 -0.36 -0.87
H6 CYY D . 0.20 -0.90 -0.19
HN11 CYY D . 0.55 -3.30 0.15
HN12 CYY D . 1.13 -3.54 -1.29
HN31 CYY D . -0.06 -0.79 -4.99
HN32 CYY D . -1.59 -1.02 -5.37
HO6 CYY D . -1.79 -2.49 0.80
O5 RIB B . 2.68 1.50 1.66
C5 RIB B . 2.17 0.25 1.22
C4 RIB B . 0.64 0.29 1.24
O4 RIB B . 0.12 0.80 0.00
C3 RIB B . 0.01 -1.09 1.40
O3 RIB B . -0.01 -1.50 2.78
C2 RIB B . -1.37 -0.88 0.81
O2 RIB B . -2.20 -0.24 1.76
C1 RIB B . -1.09 0.06 -0.36
HO5 RIB B . 2.27 2.22 1.15
H51 RIB B . 2.54 0.03 0.22
H52 RIB B . 2.53 -0.56 1.86
H4 RIB B . 0.34 0.91 2.08
H3 RIB B . 0.54 -1.81 0.79
H2 RIB B . -1.72 -1.86 0.47
HO2 RIB B . -3.11 -0.46 1.54
H1 RIB B . -1.91 0.77 -0.52
C5 IDG B . 3.01 -3.52 2.44
O5 IDG B . 1.96 -2.61 2.07
C1 IDG B . 1.10 -2.33 3.18
C2 IDG B . 1.87 -1.67 4.32
N2 IDG B . 2.23 -0.30 3.99
C3 IDG B . 3.13 -2.47 4.69
O3 IDG B . 2.75 -3.65 5.38
C4 IDG B . 3.94 -2.83 3.44
O4 IDG B . 4.50 -1.67 2.87
C6 IDG B . 3.76 -4.03 1.21
N6 IDG B . 4.02 -2.95 0.29
H5 IDG B . 2.54 -4.37 2.95
H1 IDG B . 0.70 -3.23 3.63
H2 IDG B . 1.20 -1.69 5.19
HN21 IDG B . 3.15 0.03 3.95
HN22 IDG B . 1.66 0.46 4.26
H3 IDG B . 3.77 -1.85 5.33
HO3 IDG B . 2.38 -3.45 6.24
H4 IDG B . 4.72 -3.55 3.75
HO4 IDG B . 5.32 -1.88 2.41
H61 IDG B . 4.67 -4.54 1.53
H62 IDG B . 3.08 -4.79 0.77
HN61 IDG B . 3.62 -2.07 0.42
HN62 IDG B . 4.05 -3.13 -0.68
C5 BDG C . -4.12 1.68 -4.77
O5 BDG C . -3.01 0.74 -4.83
C1 BDG C . -1.73 1.36 -4.54
O1 BDG C . -1.66 1.79 -3.15
C2 BDG C . -1.49 2.54 -5.54
N2 BDG C . -0.29 3.27 -5.22
C3 BDG C . -2.68 3.50 -5.58
O3 BDG C . -2.47 4.47 -6.60
C4 BDG C . -3.97 2.76 -5.84
O4 BDG C . -5.07 3.66 -5.80
C6 BDG C . -5.44 0.98 -5.03
N6 BDG C . -6.53 1.78 -4.50
H5 BDG C . -4.09 2.02 -3.74
H1 BDG C . -0.99 0.58 -4.75
H2 BDG C . -1.25 2.25 -6.55
HN21 BDG C . -0.30 4.18 -5.57
HN22 BDG C . 0.49 2.82 -5.61
H3 BDG C . -2.83 3.97 -4.60
HO3 BDG C . -3.31 4.94 -6.81
H4 BDG C . -4.01 2.31 -6.83
HO4 BDG C . -5.76 3.34 -6.39
H61 BDG C . -5.39 -0.04 -4.66
H62 BDG C . -5.55 1.00 -6.12
HN61 BDG C . -6.59 2.05 -3.58
HN62 BDG C . -7.04 2.41 -5.04
C1 CYY D . 2.44 0.68 -2.73
C2 CYY D . 2.05 2.11 -2.38
C3 CYY D . 0.71 2.43 -3.02
C4 CYY D . -0.38 1.53 -2.47
C5 CYY D . -0.01 0.02 -2.49
C6 CYY D . 1.44 -0.28 -2.10
N1 CYY D . 3.78 0.41 -2.25
N3 CYY D . 0.38 3.82 -2.76
O5 CYY D . -0.87 -0.69 -1.58
O6 CYY D . 1.77 -1.61 -2.46
H1 CYY D . 2.40 0.55 -3.82
H21 CYY D . 2.83 2.77 -2.71
H22 CYY D . 1.98 2.25 -1.29
H3 CYY D . 0.85 2.18 -4.03
H4 CYY D . -0.58 1.91 -1.48
H5 CYY D . -0.13 -0.37 -3.52
H6 CYY D . 1.54 -0.20 -1.02
HN11 CYY D . 4.55 0.91 -2.60
HN12 CYY D . 4.07 -0.52 -2.12
HN31 CYY D . -0.57 4.08 -2.73
HN32 CYY D . 0.84 4.33 -2.06
HO6 CYY D . 1.35 -2.23 -1.85
O5 RIB B . 2.23 3.57 4.32
C5 RIB B . 2.61 2.27 3.89
C4 RIB B . 1.38 1.44 3.56
O4 RIB B . 0.85 1.80 2.27
C3 RIB B . 1.72 -0.03 3.47
O3 RIB B . 1.76 -0.64 4.78
C2 RIB B . 0.61 -0.57 2.58
O2 RIB B . -0.59 -0.76 3.34
C1 RIB B . 0.43 0.59 1.59
HO5 RIB B . 2.01 4.12 3.55
H51 RIB B . 3.26 2.35 2.99
H52 RIB B . 3.19 1.78 4.68
H4 RIB B . 0.62 1.58 4.32
H3 RIB B . 2.67 -0.14 2.99
H2 RIB B . 0.91 -1.48 2.06
HO2 RIB B . -0.46 -0.54 4.28
H1 RIB B . -0.62 0.70 1.29
C5 IDG B . 3.62 -3.40 6.32
O5 IDG B . 2.74 -2.26 6.19
C1 IDG B . 2.60 -1.82 4.84
C2 IDG B . 2.00 -2.93 3.97
N2 IDG B . 0.61 -3.14 4.31
C3 IDG B . 2.78 -4.23 4.10
O3 IDG B . 4.02 -4.11 3.40
C4 IDG B . 3.05 -4.59 5.56
O4 IDG B . 1.84 -5.02 6.17
C6 IDG B . 3.79 -3.76 7.78
N6 IDG B . 5.19 -3.79 8.15
H5 IDG B . 4.60 -3.13 5.89
H1 IDG B . 3.59 -1.55 4.44
H2 IDG B . 2.08 -2.66 2.92
HN21 IDG B . -0.08 -3.14 3.61
HN22 IDG B . 0.21 -2.72 5.11
H3 IDG B . 2.20 -5.06 3.71
HO3 IDG B . 4.18 -4.90 2.87
H4 IDG B . 3.79 -5.40 5.59
HO4 IDG B . 1.35 -4.26 6.53
H61 IDG B . 3.22 -3.05 8.41
H62 IDG B . 3.33 -4.77 7.91
HN61 IDG B . 5.53 -4.42 8.81
HN62 IDG B . 5.70 -2.97 8.22
C5 BDG C . -3.47 0.78 -2.97
O5 BDG C . -2.13 0.89 -3.52
C1 BDG C . -1.18 1.43 -2.60
O1 BDG C . -0.94 0.54 -1.50
C2 BDG C . -1.61 2.82 -2.10
N2 BDG C . -0.77 3.24 -0.99
C3 BDG C . -3.08 2.87 -1.68
O3 BDG C . -3.48 4.21 -1.50
C4 BDG C . -4.01 2.17 -2.68
O4 BDG C . -5.32 2.10 -2.14
C6 BDG C . -4.38 0.04 -3.95
N6 BDG C . -3.91 0.18 -5.31
H5 BDG C . -3.38 0.21 -2.05
H1 BDG C . -0.23 1.57 -3.14
H2 BDG C . -1.48 3.59 -2.88
HN21 BDG C . -1.17 3.71 -0.22
HN22 BDG C . 0.10 3.66 -1.16
H3 BDG C . -3.27 2.24 -0.83
HO3 BDG C . -4.11 4.44 -2.19
H4 BDG C . -4.06 2.71 -3.64
HO4 BDG C . -5.97 1.73 -2.75
H61 BDG C . -5.39 0.43 -3.89
H62 BDG C . -4.41 -1.03 -3.67
HN61 BDG C . -2.98 -0.05 -5.53
HN62 BDG C . -4.46 -0.16 -6.03
C1 CYY D . 1.63 -2.89 -1.41
C2 CYY D . 1.10 -2.41 -2.75
C3 CYY D . -0.12 -1.51 -2.53
C4 CYY D . 0.24 -0.29 -1.70
C5 CYY D . 0.82 -0.74 -0.35
C6 CYY D . 2.01 -1.69 -0.54
N1 CYY D . 2.78 -3.75 -1.61
N3 CYY D . -0.65 -1.12 -3.82
O5 CYY D . 1.25 0.39 0.43
O6 CYY D . 2.48 -2.14 0.72
H1 CYY D . 0.83 -3.43 -0.90
H21 CYY D . 0.82 -3.27 -3.36
H22 CYY D . 1.87 -1.86 -3.31
H3 CYY D . -0.89 -1.99 -1.90
H4 CYY D . 0.99 0.31 -2.23
H5 CYY D . 0.04 -1.27 0.20
H6 CYY D . 2.81 -1.14 -1.07
HN11 CYY D . 3.14 -3.93 -2.51
HN12 CYY D . 3.55 -3.72 -0.99
HN31 CYY D . -0.11 -0.66 -4.50
HN32 CYY D . -1.30 -1.69 -4.29
HO6 CYY D . 3.24 -1.62 0.98
O5 RIB B . 2.67 3.98 2.96
C5 RIB B . 2.43 3.40 1.70
C4 RIB B . 1.09 2.67 1.70
O4 RIB B . 0.36 2.93 0.48
C3 RIB B . 1.29 1.17 1.75
O3 RIB B . 1.52 0.71 3.10
C2 RIB B . 0.00 0.64 1.12
O2 RIB B . -1.05 0.65 2.08
C1 RIB B . -0.25 1.70 0.03
HO5 RIB B . 2.98 4.88 2.86
H51 RIB B . 2.40 4.18 0.92
H52 RIB B . 3.23 2.69 1.44
H4 RIB B . 0.52 3.01 2.56
H3 RIB B . 2.11 0.91 1.11
H2 RIB B . 0.10 -0.37 0.74
HO2 RIB B . -0.75 0.89 2.96
H1 RIB B . -1.33 1.87 -0.11
C5 IDG B . 2.85 -2.60 2.31
O5 IDG B . 2.66 -1.17 2.21
C1 IDG B . 1.72 -0.70 3.20
C2 IDG B . 2.22 -1.04 4.63
N2 IDG B . 3.28 -0.14 5.01
C3 IDG B . 2.66 -2.49 4.78
O3 IDG B . 1.53 -3.35 4.90
C4 IDG B . 3.54 -2.94 3.62
O4 IDG B . 4.81 -2.32 3.69
C6 IDG B . 3.61 -3.14 1.09
N6 IDG B . 4.70 -2.25 0.73
H5 IDG B . 1.88 -3.05 2.26
H1 IDG B . 0.76 -1.20 3.02
H2 IDG B . 1.35 -0.91 5.29
HN21 IDG B . 4.19 -0.25 4.64
HN22 IDG B . 3.11 0.83 5.06
H3 IDG B . 3.28 -2.56 5.70
HO3 IDG B . 0.77 -2.89 5.29
H4 IDG B . 3.66 -4.04 3.67
HO4 IDG B . 5.41 -2.70 3.04
H61 IDG B . 3.92 -4.15 1.38
H62 IDG B . 2.86 -3.24 0.29
HN61 IDG B . 4.72 -1.32 1.00
HN62 IDG B . 5.10 -2.32 -0.16
C5 BDG C . -3.80 1.72 -5.40
O5 BDG C . -2.37 1.67 -5.55
C1 BDG C . -1.67 2.28 -4.44
O1 BDG C . -1.76 1.48 -3.22
C2 BDG C . -2.13 3.73 -4.21
N2 BDG C . -1.66 4.20 -2.92
C3 BDG C . -3.63 3.91 -4.30
O3 BDG C . -3.93 5.29 -4.41
C4 BDG C . -4.28 3.17 -5.45
O4 BDG C . -5.70 3.24 -5.36
C6 BDG C . -4.46 0.91 -6.53
N6 BDG C . -3.85 1.25 -7.80
H5 BDG C . -4.05 1.28 -4.42
H1 BDG C . -0.61 2.31 -4.72
H2 BDG C . -1.66 4.35 -4.97
HN21 BDG C . -1.59 3.61 -2.14
HN22 BDG C . -2.00 5.06 -2.59
H3 BDG C . -4.09 3.47 -3.43
HO3 BDG C . -4.02 5.56 -5.34
H4 BDG C . -4.02 3.53 -6.45
HO4 BDG C . -6.14 2.38 -5.41
H61 BDG C . -5.53 1.14 -6.59
H62 BDG C . -4.31 -0.16 -6.33
HN61 BDG C . -4.27 1.90 -8.41
HN62 BDG C . -2.88 1.33 -7.91
C1 CYY D . 0.20 -2.28 -2.43
C2 CYY D . -0.43 -2.00 -3.79
C3 CYY D . -1.45 -0.88 -3.70
C4 CYY D . -0.80 0.40 -3.21
C5 CYY D . -0.28 0.13 -1.78
C6 CYY D . 0.76 -1.00 -1.81
N1 CYY D . 1.26 -3.27 -2.58
N3 CYY D . -2.06 -0.69 -5.01
O5 CYY D . 0.33 1.30 -1.23
O6 CYY D . 1.22 -1.28 -0.51
H1 CYY D . -0.55 -2.67 -1.74
H21 CYY D . -0.87 -2.92 -4.19
H22 CYY D . 0.32 -1.72 -4.54
H3 CYY D . -2.21 -1.03 -2.90
H4 CYY D . 0.04 0.67 -3.86
H5 CYY D . -1.12 -0.18 -1.15
H6 CYY D . 1.61 -0.67 -2.43
HN11 CYY D . 1.82 -3.52 -1.81
HN12 CYY D . 1.82 -3.28 -3.37
HN31 CYY D . -1.54 -0.60 -5.83
HN32 CYY D . -2.91 -1.13 -5.24
HO6 CYY D . 2.12 -0.96 -0.39
#